data_6UIL
#
_entry.id   6UIL
#
_cell.length_a   80.980
_cell.length_b   80.980
_cell.length_c   242.822
_cell.angle_alpha   90.000
_cell.angle_beta   90.000
_cell.angle_gamma   120.000
#
_symmetry.space_group_name_H-M   'P 31 2 1'
#
loop_
_entity.id
_entity.type
_entity.pdbx_description
1 polymer 'Polyamine deacetylase HDAC10'
2 non-polymer 7-[(3-aminopropyl)amino]-1,1,1-trifluoroheptane-2,2-diol
3 non-polymer 'PHOSPHATE ION'
4 non-polymer 'ZINC ION'
5 non-polymer 'POTASSIUM ION'
6 water water
#
_entity_poly.entity_id   1
_entity_poly.type   'polypeptide(L)'
_entity_poly.pdbx_seq_one_letter_code
;AASGSALIFDEEMSRYKLLWTDPACEIEVPERLTVSYEALRTHGLAQRCKAVPVRQATEQEILLAHSEEYLEAVKQTPGM
NVEELMAFSKKYNDVYFHQNIYHCAKLAAGATLQLVDSVMKREVRNGMALVRPPGHHSQRSAANGFCVFNNVAFAALYAK
KNYNLNRILIVDWDVHHGQGIQYCFEEDPSVLYFSWHRYEHQSFWPNLPESDYSSVGKGKGSGFNINLPWNKVGMTNSDY
LAAFFHVLLPVAYEFDPELVIVSAGFDSAIGDPEGEMCALPEIFAHLTHLLMPLAAGKMCVVLEGGYNLTSLGQSVCQTV
HSLLGDPTPRISGLGTACDSALESIQNVRNVQSSYWSSFKHLAQSETNPKRPRLDATNGGPKESSEPASESNPKKTAQDI
VWPEPLKRMPASVRTVVVPPPGVELTLPKNCQHSGDISESTAKEVQRIRDKHFHDLTDQNILRSLGNIISVLDRMMRSDE
VCNGCVVVSDLSVSVQCALQHALTEPAERVLVVYVGDGELPVKTNDGKVFLVQICTKETEDKCVNRLTLCLREGESLTAG
FMQALLGLILPVAYEFNPALVLGIVEETAAKTRLMRVWGHMTCLIQGLARGRMLTLLQGYDKDLLELTVSALSGASISPL
GPLRAPKPEDVEMMEKQRQRLQERWGLLRCTVSESW
;
_entity_poly.pdbx_strand_id   A
#
loop_
_chem_comp.id
_chem_comp.type
_chem_comp.name
_chem_comp.formula
FKS non-polymer 7-[(3-aminopropyl)amino]-1,1,1-trifluoroheptane-2,2-diol 'C10 H21 F3 N2 O2'
K non-polymer 'POTASSIUM ION' 'K 1'
PO4 non-polymer 'PHOSPHATE ION' 'O4 P -3'
ZN non-polymer 'ZINC ION' 'Zn 2'
#
# COMPACT_ATOMS: atom_id res chain seq x y z
N ALA A 2 -11.68 -2.21 -16.45
CA ALA A 2 -11.86 -2.44 -15.02
C ALA A 2 -12.57 -1.25 -14.38
N SER A 3 -13.57 -1.52 -13.54
CA SER A 3 -14.40 -0.45 -12.99
C SER A 3 -14.44 -0.47 -11.47
N GLY A 4 -15.45 -1.12 -10.90
CA GLY A 4 -15.76 -0.98 -9.50
C GLY A 4 -14.84 -1.73 -8.56
N SER A 5 -15.37 -2.02 -7.37
CA SER A 5 -14.64 -2.71 -6.31
C SER A 5 -15.60 -3.64 -5.60
N ALA A 6 -15.18 -4.89 -5.38
CA ALA A 6 -16.06 -5.91 -4.83
C ALA A 6 -15.97 -5.96 -3.32
N LEU A 7 -17.10 -6.26 -2.67
CA LEU A 7 -17.15 -6.48 -1.23
C LEU A 7 -17.98 -7.73 -0.98
N ILE A 8 -17.31 -8.82 -0.62
CA ILE A 8 -17.96 -10.10 -0.39
C ILE A 8 -18.14 -10.29 1.11
N PHE A 9 -19.37 -10.59 1.52
CA PHE A 9 -19.69 -10.77 2.93
C PHE A 9 -21.01 -11.51 3.03
N ASP A 10 -21.18 -12.23 4.15
CA ASP A 10 -22.43 -12.93 4.43
C ASP A 10 -22.58 -13.06 5.94
N GLU A 11 -23.77 -12.71 6.44
CA GLU A 11 -24.03 -12.81 7.87
C GLU A 11 -23.93 -14.25 8.38
N GLU A 12 -24.04 -15.24 7.49
CA GLU A 12 -24.00 -16.63 7.92
C GLU A 12 -22.68 -16.99 8.58
N MET A 13 -21.58 -16.37 8.14
CA MET A 13 -20.29 -16.64 8.77
C MET A 13 -20.18 -16.04 10.17
N SER A 14 -21.23 -15.39 10.67
CA SER A 14 -21.28 -14.91 12.04
C SER A 14 -22.09 -15.83 12.94
N ARG A 15 -22.44 -17.02 12.47
CA ARG A 15 -23.28 -17.93 13.24
C ARG A 15 -22.51 -19.17 13.67
N TYR A 16 -21.38 -18.96 14.34
CA TYR A 16 -20.62 -20.00 15.00
C TYR A 16 -19.69 -19.31 15.99
N LYS A 17 -19.54 -19.90 17.17
CA LYS A 17 -18.77 -19.25 18.23
C LYS A 17 -18.16 -20.30 19.15
N LEU A 18 -17.24 -19.83 19.99
CA LEU A 18 -16.63 -20.68 21.00
C LEU A 18 -17.68 -21.07 22.04
N LEU A 19 -17.86 -22.39 22.23
CA LEU A 19 -18.95 -22.92 23.05
C LEU A 19 -18.47 -23.43 24.40
N TRP A 20 -17.26 -23.04 24.82
CA TRP A 20 -16.75 -23.41 26.13
C TRP A 20 -15.73 -22.36 26.55
N THR A 21 -15.12 -22.57 27.72
CA THR A 21 -14.12 -21.63 28.21
C THR A 21 -12.76 -22.01 27.68
N ASP A 22 -12.10 -21.05 27.04
CA ASP A 22 -10.79 -21.23 26.41
C ASP A 22 -10.15 -19.86 26.25
N PRO A 23 -9.32 -19.42 27.19
CA PRO A 23 -8.71 -18.08 27.09
C PRO A 23 -7.88 -17.87 25.84
N ALA A 24 -7.54 -18.94 25.12
CA ALA A 24 -6.75 -18.79 23.90
C ALA A 24 -7.59 -18.21 22.77
N CYS A 25 -8.88 -18.59 22.69
CA CYS A 25 -9.74 -18.19 21.59
C CYS A 25 -10.91 -17.31 22.00
N GLU A 26 -10.97 -16.86 23.26
CA GLU A 26 -12.07 -16.00 23.68
C GLU A 26 -12.09 -14.70 22.89
N ILE A 27 -10.93 -14.25 22.40
CA ILE A 27 -10.88 -13.03 21.62
C ILE A 27 -11.51 -13.18 20.25
N GLU A 28 -11.70 -14.42 19.78
CA GLU A 28 -12.26 -14.68 18.45
C GLU A 28 -13.76 -14.86 18.60
N VAL A 29 -14.53 -13.84 18.23
CA VAL A 29 -15.97 -13.83 18.44
C VAL A 29 -16.65 -13.54 17.11
N PRO A 30 -17.92 -13.95 16.97
CA PRO A 30 -18.65 -13.61 15.72
C PRO A 30 -18.87 -12.12 15.54
N GLU A 31 -18.88 -11.36 16.62
CA GLU A 31 -19.10 -9.92 16.54
C GLU A 31 -18.01 -9.19 15.79
N ARG A 32 -16.84 -9.81 15.58
CA ARG A 32 -15.82 -9.20 14.74
C ARG A 32 -16.34 -8.98 13.32
N LEU A 33 -17.17 -9.90 12.84
CA LEU A 33 -17.67 -9.83 11.46
C LEU A 33 -18.84 -8.88 11.33
N THR A 34 -19.67 -8.75 12.37
CA THR A 34 -20.84 -7.87 12.28
C THR A 34 -20.46 -6.41 12.43
N VAL A 35 -19.48 -6.11 13.29
CA VAL A 35 -19.10 -4.72 13.49
C VAL A 35 -18.32 -4.19 12.28
N SER A 36 -17.59 -5.07 11.59
CA SER A 36 -16.82 -4.62 10.43
C SER A 36 -17.73 -4.25 9.27
N TYR A 37 -18.79 -5.02 9.05
CA TYR A 37 -19.75 -4.66 8.01
C TYR A 37 -20.58 -3.45 8.41
N GLU A 38 -21.05 -3.42 9.67
CA GLU A 38 -21.82 -2.29 10.13
C GLU A 38 -21.00 -1.00 10.14
N ALA A 39 -19.69 -1.11 10.35
CA ALA A 39 -18.83 0.06 10.22
C ALA A 39 -18.74 0.51 8.77
N LEU A 40 -18.62 -0.43 7.84
CA LEU A 40 -18.64 -0.10 6.42
C LEU A 40 -20.01 0.46 6.01
N ARG A 41 -21.08 -0.02 6.65
CA ARG A 41 -22.41 0.48 6.32
C ARG A 41 -22.61 1.90 6.86
N THR A 42 -22.16 2.17 8.08
CA THR A 42 -22.37 3.48 8.69
C THR A 42 -21.67 4.58 7.91
N HIS A 43 -20.39 4.37 7.61
CA HIS A 43 -19.60 5.40 6.91
C HIS A 43 -19.95 5.54 5.44
N GLY A 44 -20.99 4.87 4.95
CA GLY A 44 -21.37 4.98 3.55
C GLY A 44 -20.33 4.41 2.61
N LEU A 45 -19.87 3.18 2.91
CA LEU A 45 -18.83 2.53 2.14
C LEU A 45 -19.29 1.25 1.48
N ALA A 46 -19.92 0.35 2.23
CA ALA A 46 -20.36 -0.93 1.67
C ALA A 46 -21.34 -0.73 0.53
N GLN A 47 -22.15 0.33 0.59
CA GLN A 47 -23.12 0.61 -0.47
C GLN A 47 -22.45 1.04 -1.77
N ARG A 48 -21.18 1.44 -1.72
CA ARG A 48 -20.46 1.89 -2.90
C ARG A 48 -19.68 0.77 -3.58
N CYS A 49 -19.72 -0.44 -3.06
CA CYS A 49 -18.96 -1.57 -3.59
C CYS A 49 -19.89 -2.64 -4.12
N LYS A 50 -19.53 -3.22 -5.26
CA LYS A 50 -20.28 -4.30 -5.88
C LYS A 50 -20.31 -5.52 -4.97
N ALA A 51 -21.47 -5.83 -4.40
CA ALA A 51 -21.61 -6.93 -3.45
C ALA A 51 -21.68 -8.24 -4.23
N VAL A 52 -20.58 -8.98 -4.24
CA VAL A 52 -20.56 -10.30 -4.86
C VAL A 52 -21.10 -11.32 -3.87
N PRO A 53 -22.07 -12.15 -4.26
CA PRO A 53 -22.61 -13.13 -3.32
C PRO A 53 -21.60 -14.21 -2.98
N VAL A 54 -21.79 -14.80 -1.80
CA VAL A 54 -20.89 -15.83 -1.29
C VAL A 54 -21.29 -17.18 -1.88
N ARG A 55 -20.30 -17.98 -2.26
CA ARG A 55 -20.50 -19.35 -2.69
C ARG A 55 -19.69 -20.28 -1.80
N GLN A 56 -20.01 -21.57 -1.88
CA GLN A 56 -19.25 -22.58 -1.17
C GLN A 56 -18.04 -23.00 -2.00
N ALA A 57 -17.00 -23.46 -1.32
CA ALA A 57 -15.80 -23.95 -1.98
C ALA A 57 -15.92 -25.46 -2.17
N THR A 58 -15.84 -25.90 -3.42
CA THR A 58 -15.94 -27.32 -3.71
C THR A 58 -14.73 -28.07 -3.16
N GLU A 59 -14.93 -29.33 -2.82
CA GLU A 59 -13.82 -30.15 -2.33
C GLU A 59 -12.75 -30.37 -3.40
N GLN A 60 -13.08 -30.09 -4.66
CA GLN A 60 -12.05 -30.06 -5.70
C GLN A 60 -11.08 -28.90 -5.45
N GLU A 61 -11.58 -27.79 -4.93
CA GLU A 61 -10.76 -26.63 -4.64
C GLU A 61 -10.10 -26.70 -3.26
N ILE A 62 -10.69 -27.44 -2.32
CA ILE A 62 -10.12 -27.49 -0.98
C ILE A 62 -8.87 -28.37 -0.96
N LEU A 63 -8.79 -29.34 -1.87
CA LEU A 63 -7.61 -30.20 -1.94
C LEU A 63 -6.43 -29.54 -2.65
N LEU A 64 -6.60 -28.32 -3.16
CA LEU A 64 -5.48 -27.59 -3.72
C LEU A 64 -4.42 -27.29 -2.67
N ALA A 65 -4.84 -27.09 -1.42
CA ALA A 65 -3.92 -26.74 -0.34
C ALA A 65 -4.13 -27.58 0.91
N HIS A 66 -4.88 -28.68 0.82
CA HIS A 66 -5.14 -29.50 1.99
C HIS A 66 -5.22 -30.97 1.56
N SER A 67 -5.02 -31.85 2.53
CA SER A 67 -5.05 -33.29 2.28
C SER A 67 -6.47 -33.83 2.44
N GLU A 68 -6.72 -34.96 1.78
CA GLU A 68 -8.01 -35.63 1.92
C GLU A 68 -8.21 -36.16 3.33
N GLU A 69 -7.13 -36.63 3.96
CA GLU A 69 -7.23 -37.16 5.32
C GLU A 69 -7.72 -36.10 6.30
N TYR A 70 -7.35 -34.84 6.08
CA TYR A 70 -7.75 -33.75 6.97
C TYR A 70 -9.11 -33.16 6.61
N LEU A 71 -9.45 -33.11 5.31
CA LEU A 71 -10.74 -32.57 4.93
C LEU A 71 -11.87 -33.50 5.36
N GLU A 72 -11.67 -34.81 5.26
CA GLU A 72 -12.66 -35.76 5.76
C GLU A 72 -12.78 -35.69 7.28
N ALA A 73 -11.69 -35.33 7.96
CA ALA A 73 -11.74 -35.23 9.42
C ALA A 73 -12.64 -34.08 9.86
N VAL A 74 -12.52 -32.92 9.20
CA VAL A 74 -13.38 -31.79 9.55
C VAL A 74 -14.77 -31.92 8.94
N LYS A 75 -14.92 -32.72 7.88
CA LYS A 75 -16.23 -32.95 7.29
C LYS A 75 -17.16 -33.69 8.25
N GLN A 76 -16.60 -34.35 9.27
CA GLN A 76 -17.39 -35.07 10.26
C GLN A 76 -17.74 -34.21 11.48
N THR A 77 -17.34 -32.94 11.50
CA THR A 77 -17.59 -32.07 12.63
C THR A 77 -19.04 -31.62 12.78
N PRO A 78 -19.80 -31.37 11.70
CA PRO A 78 -21.20 -30.94 11.89
C PRO A 78 -22.05 -31.92 12.65
N GLY A 79 -21.66 -33.20 12.72
CA GLY A 79 -22.40 -34.20 13.44
C GLY A 79 -21.93 -34.45 14.86
N MET A 80 -20.96 -33.68 15.36
CA MET A 80 -20.44 -33.86 16.70
C MET A 80 -21.15 -32.93 17.67
N ASN A 81 -21.37 -33.43 18.89
CA ASN A 81 -21.94 -32.62 19.96
C ASN A 81 -20.82 -31.86 20.66
N VAL A 82 -21.15 -31.16 21.74
CA VAL A 82 -20.17 -30.29 22.40
C VAL A 82 -19.06 -31.11 23.05
N GLU A 83 -19.42 -32.23 23.69
CA GLU A 83 -18.40 -33.08 24.30
C GLU A 83 -17.43 -33.60 23.24
N GLU A 84 -17.94 -33.98 22.07
CA GLU A 84 -17.08 -34.47 21.00
C GLU A 84 -16.33 -33.34 20.31
N LEU A 85 -16.91 -32.13 20.29
CA LEU A 85 -16.30 -31.04 19.53
C LEU A 85 -15.02 -30.55 20.19
N MET A 86 -15.06 -30.31 21.50
CA MET A 86 -13.87 -29.81 22.18
C MET A 86 -12.78 -30.88 22.32
N ALA A 87 -13.14 -32.15 22.16
CA ALA A 87 -12.11 -33.19 22.08
C ALA A 87 -11.38 -33.13 20.74
N PHE A 88 -12.13 -32.97 19.65
CA PHE A 88 -11.50 -32.81 18.34
C PHE A 88 -10.70 -31.53 18.26
N SER A 89 -11.12 -30.48 18.96
CA SER A 89 -10.41 -29.21 18.94
C SER A 89 -9.09 -29.27 19.70
N LYS A 90 -8.94 -30.25 20.60
CA LYS A 90 -7.71 -30.36 21.38
C LYS A 90 -6.59 -31.04 20.61
N LYS A 91 -6.91 -31.81 19.57
CA LYS A 91 -5.89 -32.37 18.70
C LYS A 91 -5.12 -31.31 17.94
N TYR A 92 -5.56 -30.06 17.98
CA TYR A 92 -4.90 -28.94 17.34
C TYR A 92 -4.61 -27.87 18.40
N ASN A 93 -3.80 -26.88 18.01
CA ASN A 93 -3.30 -25.90 18.96
C ASN A 93 -4.06 -24.58 18.80
N ASP A 94 -4.78 -24.19 19.86
CA ASP A 94 -5.37 -22.86 20.00
C ASP A 94 -6.55 -22.63 19.05
N VAL A 95 -7.28 -23.69 18.69
CA VAL A 95 -8.42 -23.56 17.78
C VAL A 95 -9.64 -24.25 18.39
N TYR A 96 -10.82 -23.75 18.03
CA TYR A 96 -12.09 -24.33 18.47
C TYR A 96 -12.95 -24.64 17.26
N PHE A 97 -13.85 -25.60 17.43
CA PHE A 97 -14.73 -26.04 16.35
C PHE A 97 -16.19 -25.90 16.79
N HIS A 98 -17.06 -25.75 15.79
CA HIS A 98 -18.49 -25.57 16.00
C HIS A 98 -19.27 -26.53 15.12
N GLN A 99 -20.55 -26.70 15.42
CA GLN A 99 -21.41 -27.50 14.56
C GLN A 99 -21.53 -26.89 13.17
N ASN A 100 -21.35 -25.57 13.06
CA ASN A 100 -21.51 -24.84 11.81
C ASN A 100 -20.18 -24.37 11.22
N ILE A 101 -19.06 -24.67 11.87
CA ILE A 101 -17.79 -24.09 11.44
C ILE A 101 -17.33 -24.69 10.12
N TYR A 102 -17.62 -25.97 9.87
CA TYR A 102 -17.22 -26.58 8.61
C TYR A 102 -18.01 -25.98 7.45
N HIS A 103 -19.29 -25.66 7.68
CA HIS A 103 -20.08 -25.00 6.66
C HIS A 103 -19.58 -23.59 6.41
N CYS A 104 -19.24 -22.86 7.47
CA CYS A 104 -18.76 -21.50 7.31
C CYS A 104 -17.36 -21.45 6.70
N ALA A 105 -16.53 -22.46 6.99
CA ALA A 105 -15.18 -22.48 6.43
C ALA A 105 -15.20 -22.66 4.92
N LYS A 106 -16.14 -23.48 4.41
CA LYS A 106 -16.31 -23.59 2.97
C LYS A 106 -16.79 -22.28 2.37
N LEU A 107 -17.65 -21.56 3.10
CA LEU A 107 -18.01 -20.20 2.68
C LEU A 107 -16.82 -19.26 2.81
N ALA A 108 -15.89 -19.56 3.73
CA ALA A 108 -14.72 -18.72 3.90
C ALA A 108 -13.82 -18.76 2.68
N ALA A 109 -13.54 -19.97 2.18
CA ALA A 109 -12.74 -20.09 0.97
C ALA A 109 -13.52 -19.64 -0.26
N GLY A 110 -14.79 -20.04 -0.36
CA GLY A 110 -15.60 -19.64 -1.51
C GLY A 110 -15.77 -18.14 -1.63
N ALA A 111 -15.74 -17.42 -0.50
CA ALA A 111 -15.84 -15.97 -0.55
C ALA A 111 -14.63 -15.35 -1.22
N THR A 112 -13.43 -15.80 -0.84
CA THR A 112 -12.21 -15.26 -1.44
C THR A 112 -12.08 -15.69 -2.90
N LEU A 113 -12.42 -16.94 -3.21
CA LEU A 113 -12.36 -17.39 -4.60
C LEU A 113 -13.29 -16.57 -5.48
N GLN A 114 -14.49 -16.25 -4.98
CA GLN A 114 -15.38 -15.36 -5.71
C GLN A 114 -14.73 -13.99 -5.91
N LEU A 115 -14.00 -13.50 -4.90
CA LEU A 115 -13.30 -12.24 -5.03
C LEU A 115 -12.17 -12.35 -6.06
N VAL A 116 -11.50 -13.49 -6.12
CA VAL A 116 -10.44 -13.68 -7.10
C VAL A 116 -11.01 -13.68 -8.51
N ASP A 117 -12.15 -14.34 -8.71
CA ASP A 117 -12.76 -14.38 -10.04
C ASP A 117 -13.25 -13.00 -10.46
N SER A 118 -13.82 -12.23 -9.52
CA SER A 118 -14.32 -10.90 -9.86
C SER A 118 -13.17 -9.97 -10.24
N VAL A 119 -12.04 -10.08 -9.55
CA VAL A 119 -10.91 -9.21 -9.84
C VAL A 119 -10.20 -9.63 -11.13
N MET A 120 -10.07 -10.93 -11.36
CA MET A 120 -9.35 -11.41 -12.55
C MET A 120 -10.19 -11.34 -13.82
N LYS A 121 -11.52 -11.33 -13.71
CA LYS A 121 -12.39 -11.19 -14.86
C LYS A 121 -12.69 -9.74 -15.19
N ARG A 122 -11.96 -8.81 -14.58
CA ARG A 122 -12.13 -7.37 -14.76
C ARG A 122 -13.53 -6.89 -14.40
N GLU A 123 -14.34 -7.73 -13.75
CA GLU A 123 -15.62 -7.28 -13.23
C GLU A 123 -15.44 -6.11 -12.28
N VAL A 124 -14.38 -6.14 -11.49
CA VAL A 124 -14.04 -5.09 -10.54
C VAL A 124 -12.55 -4.79 -10.67
N ARG A 125 -12.14 -3.65 -10.10
CA ARG A 125 -10.73 -3.30 -10.10
C ARG A 125 -10.00 -3.97 -8.95
N ASN A 126 -10.61 -3.98 -7.77
CA ASN A 126 -10.03 -4.61 -6.58
C ASN A 126 -11.20 -5.15 -5.75
N GLY A 127 -10.94 -5.46 -4.50
CA GLY A 127 -12.01 -5.94 -3.64
C GLY A 127 -11.50 -6.37 -2.29
N MET A 128 -12.47 -6.67 -1.42
CA MET A 128 -12.20 -7.10 -0.05
C MET A 128 -13.23 -8.13 0.36
N ALA A 129 -12.81 -9.12 1.15
CA ALA A 129 -13.68 -10.20 1.61
C ALA A 129 -13.75 -10.16 3.14
N LEU A 130 -14.88 -9.68 3.66
CA LEU A 130 -15.17 -9.78 5.09
C LEU A 130 -15.56 -11.21 5.39
N VAL A 131 -14.64 -11.96 5.99
CA VAL A 131 -14.75 -13.41 6.03
C VAL A 131 -14.25 -13.94 7.38
N ARG A 132 -14.88 -15.03 7.82
CA ARG A 132 -14.58 -15.71 9.08
C ARG A 132 -14.95 -17.17 8.89
N PRO A 133 -14.10 -18.13 9.32
CA PRO A 133 -12.85 -18.03 10.07
C PRO A 133 -11.66 -17.51 9.27
N PRO A 134 -10.58 -17.11 9.95
CA PRO A 134 -9.36 -16.66 9.24
C PRO A 134 -8.68 -17.80 8.49
N GLY A 135 -7.45 -17.58 8.03
CA GLY A 135 -6.84 -18.56 7.16
C GLY A 135 -5.36 -18.87 7.35
N HIS A 136 -4.51 -17.86 7.50
CA HIS A 136 -3.08 -18.03 7.23
C HIS A 136 -2.35 -18.92 8.24
N HIS A 137 -3.01 -19.46 9.27
CA HIS A 137 -2.39 -20.40 10.19
C HIS A 137 -2.56 -21.85 9.77
N SER A 138 -3.63 -22.18 9.05
CA SER A 138 -3.92 -23.57 8.73
C SER A 138 -2.92 -24.12 7.71
N GLN A 139 -2.60 -25.39 7.86
CA GLN A 139 -1.59 -26.06 7.03
C GLN A 139 -2.26 -27.14 6.20
N ARG A 140 -1.44 -27.99 5.58
N ARG A 140 -1.44 -27.99 5.56
CA ARG A 140 -1.93 -28.98 4.63
CA ARG A 140 -1.98 -28.97 4.62
C ARG A 140 -2.84 -30.01 5.30
C ARG A 140 -2.89 -29.98 5.31
N SER A 141 -2.63 -30.27 6.59
CA SER A 141 -3.45 -31.26 7.30
C SER A 141 -3.55 -30.92 8.78
N ALA A 142 -3.70 -29.64 9.09
CA ALA A 142 -3.85 -29.23 10.48
C ALA A 142 -4.57 -27.90 10.56
N ALA A 143 -5.47 -27.78 11.53
CA ALA A 143 -6.03 -26.49 11.90
C ALA A 143 -5.16 -25.87 12.99
N ASN A 144 -4.94 -24.56 12.88
CA ASN A 144 -4.06 -23.89 13.82
C ASN A 144 -4.49 -22.43 13.94
N GLY A 145 -4.12 -21.80 15.05
CA GLY A 145 -4.61 -20.48 15.33
C GLY A 145 -6.12 -20.50 15.42
N PHE A 146 -6.76 -19.51 14.80
CA PHE A 146 -8.21 -19.46 14.72
C PHE A 146 -8.75 -19.91 13.37
N CYS A 147 -7.92 -20.56 12.57
CA CYS A 147 -8.22 -20.83 11.16
C CYS A 147 -8.46 -22.30 10.91
N VAL A 148 -9.24 -22.58 9.86
CA VAL A 148 -9.55 -23.95 9.43
C VAL A 148 -8.94 -24.24 8.07
N PHE A 149 -9.23 -23.42 7.07
CA PHE A 149 -8.64 -23.53 5.74
C PHE A 149 -7.93 -22.22 5.41
N ASN A 150 -6.85 -22.33 4.64
CA ASN A 150 -6.00 -21.17 4.34
C ASN A 150 -6.60 -20.38 3.20
N ASN A 151 -7.35 -19.33 3.54
CA ASN A 151 -8.18 -18.63 2.56
C ASN A 151 -7.35 -18.06 1.41
N VAL A 152 -6.28 -17.33 1.72
CA VAL A 152 -5.51 -16.70 0.65
C VAL A 152 -4.54 -17.66 -0.01
N ALA A 153 -4.16 -18.76 0.66
CA ALA A 153 -3.42 -19.80 -0.03
C ALA A 153 -4.30 -20.52 -1.04
N PHE A 154 -5.59 -20.67 -0.74
CA PHE A 154 -6.56 -21.05 -1.75
C PHE A 154 -6.46 -20.14 -2.96
N ALA A 155 -6.58 -18.83 -2.72
CA ALA A 155 -6.62 -17.85 -3.80
C ALA A 155 -5.37 -17.92 -4.67
N ALA A 156 -4.21 -18.17 -4.06
CA ALA A 156 -2.96 -18.17 -4.81
C ALA A 156 -2.91 -19.35 -5.79
N LEU A 157 -3.06 -20.57 -5.28
CA LEU A 157 -3.06 -21.73 -6.16
C LEU A 157 -4.26 -21.73 -7.09
N TYR A 158 -5.40 -21.19 -6.64
CA TYR A 158 -6.56 -21.03 -7.50
C TYR A 158 -6.24 -20.11 -8.67
N ALA A 159 -5.66 -18.94 -8.39
CA ALA A 159 -5.25 -18.04 -9.46
C ALA A 159 -4.10 -18.60 -10.27
N LYS A 160 -3.23 -19.39 -9.63
CA LYS A 160 -2.17 -20.06 -10.36
C LYS A 160 -2.72 -21.10 -11.33
N LYS A 161 -3.83 -21.75 -10.96
CA LYS A 161 -4.36 -22.84 -11.76
C LYS A 161 -5.32 -22.32 -12.85
N ASN A 162 -6.32 -21.55 -12.45
CA ASN A 162 -7.40 -21.17 -13.34
C ASN A 162 -7.09 -19.92 -14.17
N TYR A 163 -5.88 -19.36 -14.05
CA TYR A 163 -5.53 -18.17 -14.81
C TYR A 163 -4.10 -18.19 -15.34
N ASN A 164 -3.31 -19.21 -15.02
CA ASN A 164 -1.94 -19.35 -15.53
C ASN A 164 -1.09 -18.12 -15.20
N LEU A 165 -1.09 -17.75 -13.93
CA LEU A 165 -0.31 -16.61 -13.46
C LEU A 165 0.97 -17.10 -12.79
N ASN A 166 2.08 -16.45 -13.11
CA ASN A 166 3.39 -16.90 -12.66
C ASN A 166 3.91 -16.15 -11.43
N ARG A 167 3.45 -14.93 -11.20
CA ARG A 167 3.98 -14.09 -10.12
C ARG A 167 2.83 -13.52 -9.30
N ILE A 168 2.66 -14.03 -8.08
CA ILE A 168 1.60 -13.61 -7.18
C ILE A 168 2.25 -13.12 -5.89
N LEU A 169 1.97 -11.87 -5.52
CA LEU A 169 2.52 -11.27 -4.31
C LEU A 169 1.50 -11.39 -3.19
N ILE A 170 1.89 -12.01 -2.07
CA ILE A 170 1.04 -12.14 -0.90
C ILE A 170 1.63 -11.26 0.20
N VAL A 171 0.80 -10.35 0.72
CA VAL A 171 1.19 -9.48 1.83
C VAL A 171 0.33 -9.87 3.03
N ASP A 172 0.97 -9.98 4.20
CA ASP A 172 0.32 -10.45 5.42
C ASP A 172 0.63 -9.46 6.53
N TRP A 173 -0.14 -8.36 6.60
CA TRP A 173 0.12 -7.33 7.58
C TRP A 173 -0.59 -7.56 8.91
N ASP A 174 -1.24 -8.71 9.08
CA ASP A 174 -1.49 -9.23 10.42
C ASP A 174 -0.17 -9.41 11.13
N VAL A 175 -0.18 -9.28 12.46
CA VAL A 175 1.06 -9.38 13.24
C VAL A 175 1.26 -10.78 13.81
N HIS A 176 0.46 -11.75 13.39
CA HIS A 176 0.76 -13.16 13.60
C HIS A 176 1.34 -13.72 12.31
N HIS A 177 2.40 -14.50 12.45
CA HIS A 177 3.03 -15.10 11.26
C HIS A 177 2.07 -16.09 10.61
N GLY A 178 1.85 -15.91 9.32
CA GLY A 178 1.05 -16.86 8.57
C GLY A 178 1.87 -18.06 8.16
N GLN A 179 2.08 -18.99 9.10
CA GLN A 179 2.94 -20.13 8.82
C GLN A 179 2.34 -21.07 7.78
N GLY A 180 1.02 -21.08 7.65
CA GLY A 180 0.40 -21.91 6.63
C GLY A 180 0.70 -21.43 5.23
N ILE A 181 0.79 -20.11 5.05
CA ILE A 181 1.17 -19.56 3.75
C ILE A 181 2.62 -19.92 3.42
N GLN A 182 3.51 -19.71 4.39
CA GLN A 182 4.93 -19.97 4.16
C GLN A 182 5.18 -21.44 3.82
N TYR A 183 4.57 -22.35 4.59
CA TYR A 183 4.74 -23.77 4.33
C TYR A 183 4.23 -24.15 2.94
N CYS A 184 3.08 -23.59 2.55
CA CYS A 184 2.46 -23.96 1.28
C CYS A 184 3.35 -23.59 0.10
N PHE A 185 4.01 -22.44 0.16
CA PHE A 185 4.82 -21.94 -0.94
C PHE A 185 6.29 -21.80 -0.54
N GLU A 186 6.75 -22.64 0.38
CA GLU A 186 8.14 -22.60 0.81
C GLU A 186 9.09 -22.81 -0.36
N GLU A 187 8.92 -23.91 -1.08
CA GLU A 187 9.74 -24.21 -2.26
C GLU A 187 9.10 -23.69 -3.55
N ASP A 188 8.31 -22.64 -3.46
CA ASP A 188 7.54 -22.15 -4.61
C ASP A 188 7.94 -20.72 -4.94
N PRO A 189 8.66 -20.48 -6.04
CA PRO A 189 8.95 -19.10 -6.47
C PRO A 189 7.79 -18.42 -7.18
N SER A 190 6.67 -19.12 -7.38
CA SER A 190 5.53 -18.49 -8.05
C SER A 190 4.86 -17.45 -7.17
N VAL A 191 4.89 -17.65 -5.85
CA VAL A 191 4.14 -16.82 -4.92
C VAL A 191 5.13 -16.19 -3.94
N LEU A 192 5.25 -14.87 -4.00
CA LEU A 192 6.12 -14.13 -3.09
C LEU A 192 5.34 -13.77 -1.83
N TYR A 193 5.76 -14.29 -0.69
CA TYR A 193 5.05 -14.14 0.58
C TYR A 193 5.84 -13.20 1.49
N PHE A 194 5.27 -12.01 1.73
CA PHE A 194 5.82 -11.09 2.72
C PHE A 194 4.99 -11.18 3.99
N SER A 195 5.65 -11.01 5.14
CA SER A 195 4.96 -11.15 6.42
C SER A 195 5.76 -10.42 7.49
N TRP A 196 5.18 -9.38 8.06
CA TRP A 196 5.66 -8.84 9.32
C TRP A 196 4.77 -9.37 10.44
N HIS A 197 5.34 -9.50 11.63
CA HIS A 197 4.63 -10.20 12.69
C HIS A 197 5.30 -9.92 14.02
N ARG A 198 4.51 -9.97 15.08
CA ARG A 198 5.04 -9.87 16.43
C ARG A 198 5.83 -11.12 16.76
N TYR A 199 7.13 -10.96 16.96
CA TYR A 199 8.03 -12.06 17.28
C TYR A 199 8.51 -12.02 18.72
N GLU A 200 9.06 -10.88 19.15
CA GLU A 200 9.63 -10.72 20.48
C GLU A 200 10.70 -11.78 20.76
N HIS A 201 11.53 -12.05 19.74
CA HIS A 201 12.59 -13.04 19.82
C HIS A 201 12.03 -14.42 20.19
N GLN A 202 11.04 -14.86 19.41
CA GLN A 202 10.33 -16.13 19.56
C GLN A 202 9.49 -16.19 20.83
N SER A 203 9.43 -15.12 21.62
CA SER A 203 8.64 -15.13 22.84
C SER A 203 7.13 -15.20 22.59
N PHE A 204 6.68 -14.78 21.41
CA PHE A 204 5.27 -14.64 21.13
C PHE A 204 4.76 -15.75 20.23
N TRP A 205 3.50 -16.14 20.45
CA TRP A 205 2.86 -17.16 19.64
C TRP A 205 2.91 -16.76 18.16
N PRO A 206 3.15 -17.71 17.25
CA PRO A 206 3.27 -19.17 17.45
C PRO A 206 4.66 -19.70 17.82
N ASN A 207 5.57 -18.82 18.24
CA ASN A 207 6.89 -19.21 18.74
C ASN A 207 7.61 -20.13 17.75
N LEU A 208 7.74 -19.67 16.50
CA LEU A 208 8.36 -20.53 15.53
C LEU A 208 9.71 -19.98 15.09
N PRO A 209 10.74 -20.83 14.99
CA PRO A 209 12.00 -20.37 14.40
C PRO A 209 11.85 -19.99 12.94
N GLU A 210 10.97 -20.67 12.20
CA GLU A 210 10.76 -20.33 10.79
C GLU A 210 10.14 -18.94 10.61
N SER A 211 9.61 -18.36 11.68
CA SER A 211 9.04 -17.01 11.60
C SER A 211 10.12 -15.93 11.51
N ASP A 212 11.34 -16.23 11.93
CA ASP A 212 12.40 -15.23 11.95
C ASP A 212 12.83 -14.89 10.52
N TYR A 213 13.56 -13.78 10.39
CA TYR A 213 14.08 -13.35 9.10
C TYR A 213 15.00 -14.38 8.49
N SER A 214 15.44 -15.37 9.27
CA SER A 214 16.31 -16.41 8.75
C SER A 214 15.68 -17.12 7.56
N SER A 215 14.40 -17.48 7.67
CA SER A 215 13.75 -18.30 6.64
C SER A 215 13.48 -17.46 5.39
N VAL A 216 14.18 -17.79 4.32
CA VAL A 216 14.02 -17.12 3.03
C VAL A 216 13.35 -18.02 2.00
N GLY A 217 13.34 -19.33 2.21
CA GLY A 217 12.76 -20.27 1.27
C GLY A 217 13.55 -21.56 1.26
N LYS A 218 13.13 -22.50 0.41
CA LYS A 218 13.84 -23.76 0.26
C LYS A 218 13.84 -24.15 -1.21
N GLY A 219 14.95 -24.74 -1.65
CA GLY A 219 15.04 -25.16 -3.04
C GLY A 219 14.97 -23.99 -3.99
N LYS A 220 14.24 -24.19 -5.10
CA LYS A 220 14.14 -23.16 -6.13
C LYS A 220 13.35 -21.94 -5.66
N GLY A 221 12.60 -22.05 -4.57
CA GLY A 221 11.80 -20.95 -4.07
C GLY A 221 12.51 -20.01 -3.12
N SER A 222 13.78 -20.24 -2.82
CA SER A 222 14.52 -19.35 -1.93
C SER A 222 14.61 -17.95 -2.52
N GLY A 223 14.29 -16.95 -1.70
CA GLY A 223 14.22 -15.57 -2.14
C GLY A 223 12.82 -15.01 -2.21
N PHE A 224 11.80 -15.87 -2.13
CA PHE A 224 10.41 -15.45 -2.26
C PHE A 224 9.63 -15.66 -0.95
N ASN A 225 10.33 -15.77 0.17
CA ASN A 225 9.72 -15.76 1.49
C ASN A 225 10.43 -14.70 2.32
N ILE A 226 9.69 -13.69 2.77
CA ILE A 226 10.27 -12.55 3.48
C ILE A 226 9.56 -12.42 4.81
N ASN A 227 10.29 -12.63 5.90
CA ASN A 227 9.77 -12.47 7.25
C ASN A 227 10.45 -11.28 7.90
N LEU A 228 9.64 -10.34 8.40
CA LEU A 228 10.12 -9.15 9.11
C LEU A 228 9.64 -9.24 10.54
N PRO A 229 10.44 -9.78 11.46
CA PRO A 229 9.97 -10.01 12.84
C PRO A 229 10.05 -8.74 13.68
N TRP A 230 8.91 -8.33 14.23
CA TRP A 230 8.90 -7.27 15.23
C TRP A 230 9.37 -7.85 16.55
N ASN A 231 10.43 -7.28 17.12
CA ASN A 231 11.01 -7.80 18.35
C ASN A 231 10.59 -7.02 19.59
N LYS A 232 9.94 -5.87 19.43
CA LYS A 232 9.39 -5.12 20.53
C LYS A 232 7.99 -4.65 20.16
N VAL A 233 7.11 -4.57 21.15
CA VAL A 233 5.74 -4.12 20.92
C VAL A 233 5.73 -2.60 20.83
N GLY A 234 4.59 -2.04 20.42
CA GLY A 234 4.45 -0.60 20.35
C GLY A 234 4.94 0.04 19.07
N MET A 235 5.02 -0.72 17.98
CA MET A 235 5.45 -0.16 16.70
C MET A 235 4.47 0.90 16.22
N THR A 236 5.01 1.96 15.64
CA THR A 236 4.21 3.11 15.22
C THR A 236 4.14 3.18 13.70
N ASN A 237 3.51 4.25 13.21
CA ASN A 237 3.34 4.43 11.77
C ASN A 237 4.67 4.49 11.05
N SER A 238 5.66 5.17 11.64
CA SER A 238 6.98 5.25 11.02
C SER A 238 7.65 3.88 10.94
N ASP A 239 7.37 3.00 11.90
CA ASP A 239 7.90 1.64 11.84
C ASP A 239 7.29 0.88 10.67
N TYR A 240 5.97 0.97 10.51
CA TYR A 240 5.30 0.23 9.45
C TYR A 240 5.68 0.76 8.07
N LEU A 241 5.78 2.07 7.93
CA LEU A 241 6.09 2.66 6.62
C LEU A 241 7.53 2.41 6.22
N ALA A 242 8.45 2.46 7.19
CA ALA A 242 9.85 2.15 6.90
C ALA A 242 9.98 0.71 6.40
N ALA A 243 9.16 -0.20 6.93
CA ALA A 243 9.13 -1.56 6.42
C ALA A 243 8.75 -1.58 4.94
N PHE A 244 7.62 -0.96 4.60
CA PHE A 244 7.18 -0.93 3.21
C PHE A 244 8.25 -0.30 2.31
N PHE A 245 8.78 0.86 2.73
CA PHE A 245 9.70 1.60 1.88
C PHE A 245 11.02 0.87 1.65
N HIS A 246 11.44 0.02 2.60
CA HIS A 246 12.80 -0.48 2.60
C HIS A 246 12.94 -1.99 2.46
N VAL A 247 11.85 -2.74 2.35
CA VAL A 247 11.99 -4.17 2.04
C VAL A 247 10.84 -4.65 1.14
N LEU A 248 9.60 -4.30 1.49
CA LEU A 248 8.47 -4.87 0.75
C LEU A 248 8.30 -4.22 -0.62
N LEU A 249 8.18 -2.89 -0.66
CA LEU A 249 8.00 -2.21 -1.94
C LEU A 249 9.17 -2.38 -2.90
N PRO A 250 10.44 -2.31 -2.48
CA PRO A 250 11.53 -2.50 -3.46
C PRO A 250 11.47 -3.83 -4.19
N VAL A 251 11.26 -4.94 -3.47
CA VAL A 251 11.20 -6.24 -4.13
C VAL A 251 9.86 -6.47 -4.80
N ALA A 252 8.80 -5.76 -4.40
CA ALA A 252 7.50 -5.94 -5.04
C ALA A 252 7.52 -5.43 -6.47
N TYR A 253 8.07 -4.23 -6.69
CA TYR A 253 8.08 -3.67 -8.04
C TYR A 253 9.02 -4.43 -8.97
N GLU A 254 10.07 -5.04 -8.43
CA GLU A 254 10.94 -5.86 -9.28
C GLU A 254 10.40 -7.27 -9.41
N PHE A 255 9.67 -7.74 -8.40
CA PHE A 255 8.86 -8.94 -8.62
C PHE A 255 7.83 -8.72 -9.71
N ASP A 256 7.29 -7.50 -9.80
CA ASP A 256 6.29 -7.13 -10.80
C ASP A 256 5.14 -8.14 -10.80
N PRO A 257 4.38 -8.23 -9.71
CA PRO A 257 3.36 -9.28 -9.61
C PRO A 257 2.21 -9.04 -10.57
N GLU A 258 1.58 -10.14 -10.98
CA GLU A 258 0.39 -10.07 -11.81
C GLU A 258 -0.89 -10.06 -10.99
N LEU A 259 -0.81 -10.42 -9.71
CA LEU A 259 -1.96 -10.35 -8.81
C LEU A 259 -1.44 -10.22 -7.39
N VAL A 260 -1.88 -9.19 -6.68
CA VAL A 260 -1.49 -8.98 -5.28
C VAL A 260 -2.66 -9.38 -4.39
N ILE A 261 -2.38 -10.24 -3.41
CA ILE A 261 -3.36 -10.67 -2.43
C ILE A 261 -2.82 -10.31 -1.06
N VAL A 262 -3.67 -9.73 -0.20
CA VAL A 262 -3.23 -9.33 1.12
C VAL A 262 -4.00 -10.13 2.17
N SER A 263 -3.30 -10.48 3.26
CA SER A 263 -3.90 -11.11 4.43
C SER A 263 -4.20 -9.98 5.42
N ALA A 264 -5.37 -9.38 5.27
CA ALA A 264 -5.74 -8.20 6.07
C ALA A 264 -5.96 -8.62 7.52
N GLY A 265 -5.02 -8.31 8.38
CA GLY A 265 -5.20 -8.44 9.82
C GLY A 265 -5.07 -7.07 10.47
N PHE A 266 -6.05 -6.70 11.28
CA PHE A 266 -6.09 -5.37 11.86
C PHE A 266 -5.84 -5.39 13.36
N ASP A 267 -5.29 -6.49 13.89
CA ASP A 267 -4.71 -6.46 15.21
C ASP A 267 -3.37 -5.74 15.24
N SER A 268 -2.86 -5.34 14.07
CA SER A 268 -1.69 -4.48 13.95
C SER A 268 -2.00 -3.03 14.31
N ALA A 269 -3.23 -2.73 14.69
CA ALA A 269 -3.65 -1.36 14.99
C ALA A 269 -3.62 -1.11 16.49
N ILE A 270 -3.61 0.18 16.85
CA ILE A 270 -3.57 0.57 18.25
C ILE A 270 -4.86 0.15 18.93
N GLY A 271 -4.73 -0.48 20.10
CA GLY A 271 -5.87 -0.90 20.89
C GLY A 271 -6.15 -2.38 20.89
N ASP A 272 -5.54 -3.14 19.99
CA ASP A 272 -5.86 -4.56 19.90
C ASP A 272 -5.13 -5.33 21.01
N PRO A 273 -5.82 -6.17 21.76
CA PRO A 273 -5.17 -6.84 22.91
C PRO A 273 -4.14 -7.87 22.51
N GLU A 274 -4.31 -8.53 21.36
CA GLU A 274 -3.40 -9.58 20.92
C GLU A 274 -2.21 -9.04 20.15
N GLY A 275 -2.30 -7.82 19.63
CA GLY A 275 -1.21 -7.25 18.86
C GLY A 275 -0.32 -6.30 19.66
N GLU A 276 -0.96 -5.44 20.46
CA GLU A 276 -0.26 -4.50 21.34
C GLU A 276 0.64 -3.54 20.55
N MET A 277 0.24 -3.19 19.34
CA MET A 277 0.95 -2.20 18.54
C MET A 277 0.28 -0.84 18.67
N CYS A 278 0.92 0.18 18.07
CA CYS A 278 0.46 1.55 18.24
C CYS A 278 0.21 2.25 16.91
N ALA A 279 0.00 1.50 15.83
CA ALA A 279 -0.30 2.10 14.54
C ALA A 279 -1.76 2.54 14.49
N LEU A 280 -1.99 3.75 14.01
CA LEU A 280 -3.34 4.27 13.90
C LEU A 280 -4.07 3.60 12.75
N PRO A 281 -5.42 3.57 12.80
CA PRO A 281 -6.17 2.93 11.72
C PRO A 281 -5.88 3.47 10.34
N GLU A 282 -5.61 4.77 10.22
CA GLU A 282 -5.37 5.37 8.91
C GLU A 282 -4.09 4.88 8.25
N ILE A 283 -3.24 4.16 8.97
CA ILE A 283 -2.02 3.63 8.34
C ILE A 283 -2.38 2.54 7.34
N PHE A 284 -3.51 1.87 7.52
CA PHE A 284 -3.94 0.85 6.56
C PHE A 284 -4.47 1.48 5.28
N ALA A 285 -4.92 2.73 5.32
CA ALA A 285 -5.29 3.42 4.09
C ALA A 285 -4.09 3.63 3.19
N HIS A 286 -2.91 3.78 3.78
CA HIS A 286 -1.69 3.97 2.99
C HIS A 286 -1.01 2.66 2.64
N LEU A 287 -1.21 1.61 3.44
CA LEU A 287 -0.64 0.31 3.10
C LEU A 287 -1.23 -0.23 1.81
N THR A 288 -2.57 -0.16 1.67
CA THR A 288 -3.21 -0.58 0.43
C THR A 288 -2.81 0.33 -0.72
N HIS A 289 -2.77 1.64 -0.49
CA HIS A 289 -2.51 2.58 -1.58
C HIS A 289 -1.12 2.38 -2.17
N LEU A 290 -0.12 2.13 -1.33
CA LEU A 290 1.23 1.89 -1.82
C LEU A 290 1.34 0.60 -2.62
N LEU A 291 0.30 -0.25 -2.61
CA LEU A 291 0.30 -1.52 -3.33
C LEU A 291 -0.55 -1.49 -4.59
N MET A 292 -1.18 -0.36 -4.92
CA MET A 292 -2.09 -0.30 -6.06
C MET A 292 -1.36 -0.27 -7.41
N PRO A 293 -0.24 0.45 -7.56
CA PRO A 293 0.49 0.38 -8.84
C PRO A 293 0.96 -1.02 -9.21
N LEU A 294 0.95 -1.97 -8.28
CA LEU A 294 1.32 -3.34 -8.58
C LEU A 294 0.14 -4.08 -9.18
N ALA A 295 0.45 -4.98 -10.13
CA ALA A 295 -0.55 -5.84 -10.76
C ALA A 295 -1.68 -5.05 -11.40
N ALA A 296 -1.37 -3.84 -11.87
CA ALA A 296 -2.34 -2.94 -12.50
C ALA A 296 -3.56 -2.68 -11.59
N GLY A 297 -3.36 -2.77 -10.27
CA GLY A 297 -4.41 -2.51 -9.31
C GLY A 297 -5.17 -3.73 -8.83
N LYS A 298 -5.03 -4.87 -9.51
CA LYS A 298 -5.78 -6.07 -9.15
C LYS A 298 -5.38 -6.57 -7.77
N MET A 299 -6.11 -6.13 -6.74
CA MET A 299 -5.78 -6.42 -5.35
C MET A 299 -7.00 -6.99 -4.65
N CYS A 300 -6.85 -8.18 -4.08
CA CYS A 300 -7.94 -8.88 -3.40
C CYS A 300 -7.62 -8.97 -1.90
N VAL A 301 -8.22 -8.07 -1.13
CA VAL A 301 -8.03 -8.03 0.32
C VAL A 301 -8.88 -9.13 0.96
N VAL A 302 -8.29 -9.85 1.91
CA VAL A 302 -9.00 -10.91 2.64
C VAL A 302 -8.78 -10.70 4.13
N LEU A 303 -9.88 -10.70 4.89
CA LEU A 303 -9.81 -10.47 6.32
C LEU A 303 -9.13 -11.63 7.03
N GLU A 304 -8.35 -11.32 8.07
CA GLU A 304 -7.73 -12.34 8.91
C GLU A 304 -8.05 -12.08 10.37
N GLY A 305 -7.25 -11.23 11.03
CA GLY A 305 -7.41 -10.95 12.44
C GLY A 305 -7.87 -9.52 12.73
N GLY A 306 -7.99 -9.24 14.02
CA GLY A 306 -8.52 -7.98 14.51
C GLY A 306 -9.56 -8.23 15.58
N TYR A 307 -9.34 -7.73 16.80
CA TYR A 307 -10.13 -8.17 17.94
C TYR A 307 -10.67 -7.05 18.82
N ASN A 308 -10.16 -5.82 18.72
CA ASN A 308 -10.77 -4.71 19.44
C ASN A 308 -12.01 -4.29 18.65
N LEU A 309 -13.17 -4.77 19.10
CA LEU A 309 -14.42 -4.51 18.38
C LEU A 309 -14.70 -3.03 18.24
N THR A 310 -14.32 -2.23 19.23
CA THR A 310 -14.61 -0.80 19.21
C THR A 310 -13.69 -0.01 18.30
N SER A 311 -12.64 -0.64 17.76
CA SER A 311 -11.74 0.04 16.83
C SER A 311 -11.40 -0.80 15.60
N LEU A 312 -11.88 -2.04 15.53
CA LEU A 312 -11.62 -2.86 14.34
C LEU A 312 -12.28 -2.24 13.11
N GLY A 313 -13.49 -1.70 13.26
CA GLY A 313 -14.19 -1.11 12.14
C GLY A 313 -13.52 0.13 11.58
N GLN A 314 -12.70 0.82 12.37
CA GLN A 314 -12.05 2.03 11.90
C GLN A 314 -11.07 1.74 10.78
N SER A 315 -10.34 0.62 10.88
CA SER A 315 -9.32 0.28 9.89
C SER A 315 -9.86 -0.49 8.71
N VAL A 316 -10.97 -1.22 8.88
CA VAL A 316 -11.58 -1.89 7.73
C VAL A 316 -12.19 -0.86 6.79
N CYS A 317 -12.61 0.29 7.31
CA CYS A 317 -13.10 1.37 6.45
C CYS A 317 -11.95 2.13 5.81
N GLN A 318 -10.86 2.33 6.55
CA GLN A 318 -9.67 2.95 5.96
C GLN A 318 -9.11 2.11 4.83
N THR A 319 -9.25 0.79 4.91
CA THR A 319 -8.84 -0.08 3.82
C THR A 319 -9.76 0.09 2.61
N VAL A 320 -11.07 0.07 2.83
CA VAL A 320 -12.02 0.22 1.74
C VAL A 320 -11.99 1.64 1.17
N HIS A 321 -11.71 2.64 2.03
CA HIS A 321 -11.61 4.02 1.56
C HIS A 321 -10.61 4.16 0.42
N SER A 322 -9.40 3.64 0.63
CA SER A 322 -8.40 3.70 -0.43
C SER A 322 -8.70 2.72 -1.55
N LEU A 323 -9.39 1.61 -1.23
CA LEU A 323 -9.79 0.66 -2.26
C LEU A 323 -10.68 1.33 -3.30
N LEU A 324 -11.57 2.23 -2.86
CA LEU A 324 -12.43 2.98 -3.76
C LEU A 324 -11.73 4.19 -4.36
N GLY A 325 -10.51 4.49 -3.95
CA GLY A 325 -9.80 5.65 -4.44
C GLY A 325 -10.03 6.93 -3.67
N ASP A 326 -10.73 6.87 -2.53
CA ASP A 326 -10.97 8.06 -1.74
C ASP A 326 -9.65 8.62 -1.22
N PRO A 327 -9.58 9.94 -0.99
CA PRO A 327 -8.32 10.54 -0.57
C PRO A 327 -7.82 9.96 0.76
N THR A 328 -6.54 9.57 0.76
CA THR A 328 -5.93 9.00 1.96
C THR A 328 -5.65 10.09 2.98
N PRO A 329 -5.89 9.83 4.26
CA PRO A 329 -5.64 10.85 5.28
C PRO A 329 -4.15 11.08 5.48
N ARG A 330 -3.78 12.34 5.67
CA ARG A 330 -2.39 12.68 5.96
C ARG A 330 -1.94 12.01 7.24
N ILE A 331 -0.71 11.49 7.23
CA ILE A 331 -0.11 10.87 8.41
C ILE A 331 0.86 11.86 9.02
N SER A 332 0.59 12.29 10.25
CA SER A 332 1.39 13.25 10.96
C SER A 332 2.20 12.57 12.06
N GLY A 333 3.33 13.18 12.42
CA GLY A 333 4.18 12.64 13.45
C GLY A 333 5.12 11.54 13.00
N LEU A 334 5.44 11.47 11.71
CA LEU A 334 6.35 10.47 11.21
C LEU A 334 7.79 10.84 11.52
N GLY A 335 8.65 9.82 11.58
CA GLY A 335 10.06 10.02 11.85
C GLY A 335 10.86 8.75 11.71
N THR A 336 11.90 8.60 12.53
CA THR A 336 12.71 7.40 12.48
C THR A 336 11.95 6.21 13.08
N ALA A 337 12.15 5.05 12.48
CA ALA A 337 11.72 3.81 13.13
C ALA A 337 12.56 3.57 14.38
N CYS A 338 11.99 2.85 15.34
CA CYS A 338 12.73 2.56 16.55
C CYS A 338 13.94 1.69 16.25
N ASP A 339 14.80 1.53 17.26
CA ASP A 339 16.07 0.84 17.04
C ASP A 339 15.86 -0.63 16.72
N SER A 340 14.89 -1.27 17.36
CA SER A 340 14.64 -2.69 17.11
C SER A 340 14.03 -2.91 15.74
N ALA A 341 13.13 -2.02 15.32
CA ALA A 341 12.60 -2.08 13.96
C ALA A 341 13.71 -1.91 12.94
N LEU A 342 14.58 -0.92 13.16
CA LEU A 342 15.73 -0.74 12.29
C LEU A 342 16.66 -1.94 12.35
N GLU A 343 16.74 -2.61 13.49
CA GLU A 343 17.54 -3.82 13.59
C GLU A 343 16.95 -4.94 12.75
N SER A 344 15.63 -5.11 12.79
CA SER A 344 14.98 -6.16 12.01
C SER A 344 15.04 -5.86 10.51
N ILE A 345 14.76 -4.61 10.12
CA ILE A 345 14.85 -4.24 8.72
C ILE A 345 16.28 -4.35 8.23
N GLN A 346 17.26 -4.15 9.12
CA GLN A 346 18.66 -4.31 8.73
C GLN A 346 19.00 -5.78 8.50
N ASN A 347 18.48 -6.68 9.34
CA ASN A 347 18.86 -8.08 9.24
C ASN A 347 18.31 -8.73 7.98
N VAL A 348 16.99 -8.62 7.76
CA VAL A 348 16.37 -9.32 6.63
C VAL A 348 16.77 -8.68 5.31
N ARG A 349 17.08 -7.38 5.32
CA ARG A 349 17.65 -6.77 4.12
C ARG A 349 18.98 -7.42 3.75
N ASN A 350 19.77 -7.78 4.75
CA ASN A 350 21.05 -8.44 4.49
C ASN A 350 20.85 -9.88 4.04
N VAL A 351 19.96 -10.62 4.72
CA VAL A 351 19.74 -12.01 4.36
C VAL A 351 19.09 -12.13 2.99
N GLN A 352 18.23 -11.17 2.64
CA GLN A 352 17.62 -11.17 1.30
C GLN A 352 18.53 -10.55 0.24
N SER A 353 19.64 -9.94 0.64
CA SER A 353 20.50 -9.26 -0.33
C SER A 353 21.10 -10.21 -1.36
N SER A 354 21.21 -11.50 -1.04
CA SER A 354 21.75 -12.47 -1.98
C SER A 354 20.81 -12.76 -3.14
N TYR A 355 19.56 -12.27 -3.08
CA TYR A 355 18.60 -12.47 -4.16
C TYR A 355 18.17 -11.11 -4.73
N TRP A 356 17.37 -10.34 -3.99
CA TRP A 356 17.05 -8.98 -4.39
C TRP A 356 18.26 -8.09 -4.15
N SER A 357 19.09 -7.93 -5.18
CA SER A 357 20.40 -7.30 -5.05
C SER A 357 20.33 -5.80 -4.76
N SER A 358 19.15 -5.19 -4.75
CA SER A 358 19.02 -3.79 -4.37
C SER A 358 19.13 -3.58 -2.87
N PHE A 359 19.58 -4.58 -2.11
CA PHE A 359 19.77 -4.48 -0.68
C PHE A 359 21.23 -4.51 -0.27
N LYS A 360 22.16 -4.61 -1.22
CA LYS A 360 23.58 -4.64 -0.89
C LYS A 360 24.03 -3.30 -0.33
N HIS A 361 25.02 -3.36 0.55
CA HIS A 361 25.59 -2.17 1.17
C HIS A 361 27.11 -2.24 1.09
N LEU A 362 27.74 -1.07 1.17
CA LEU A 362 29.19 -0.99 1.14
C LEU A 362 29.77 -1.41 2.49
N ALA A 363 30.94 -2.02 2.44
CA ALA A 363 31.58 -2.54 3.63
C ALA A 363 31.99 -1.42 4.58
N GLN A 364 32.13 -1.77 5.85
CA GLN A 364 32.52 -0.81 6.87
C GLN A 364 33.68 -1.34 7.71
N SER A 412 -18.23 15.47 -7.22
CA SER A 412 -17.67 14.14 -7.36
C SER A 412 -16.56 14.12 -8.42
N VAL A 413 -16.40 15.23 -9.12
CA VAL A 413 -15.30 15.37 -10.07
C VAL A 413 -14.04 15.73 -9.29
N ARG A 414 -12.95 14.99 -9.53
CA ARG A 414 -11.79 15.06 -8.66
C ARG A 414 -10.53 15.57 -9.33
N THR A 415 -10.50 15.72 -10.65
CA THR A 415 -9.38 16.35 -11.34
C THR A 415 -9.89 17.44 -12.27
N VAL A 416 -9.02 18.40 -12.56
CA VAL A 416 -9.29 19.44 -13.55
C VAL A 416 -8.04 19.62 -14.40
N VAL A 417 -8.20 19.60 -15.72
CA VAL A 417 -7.10 19.81 -16.65
C VAL A 417 -7.40 21.05 -17.47
N VAL A 418 -6.43 21.97 -17.53
CA VAL A 418 -6.53 23.15 -18.38
C VAL A 418 -5.44 23.04 -19.44
N PRO A 419 -5.72 22.39 -20.56
CA PRO A 419 -4.70 22.18 -21.59
C PRO A 419 -4.69 23.33 -22.57
N PRO A 420 -3.71 23.40 -23.48
CA PRO A 420 -3.53 24.62 -24.32
C PRO A 420 -4.81 24.98 -25.05
N PRO A 421 -5.44 26.12 -24.67
CA PRO A 421 -6.80 26.43 -25.12
C PRO A 421 -7.10 26.12 -26.59
N GLY A 422 -8.20 25.41 -26.83
CA GLY A 422 -8.57 24.91 -28.13
C GLY A 422 -8.50 23.41 -28.23
N VAL A 423 -7.67 22.77 -27.41
CA VAL A 423 -7.56 21.31 -27.43
C VAL A 423 -8.80 20.70 -26.78
N GLU A 424 -9.15 19.50 -27.22
CA GLU A 424 -10.20 18.70 -26.61
C GLU A 424 -9.71 17.27 -26.50
N LEU A 425 -9.63 16.76 -25.28
CA LEU A 425 -9.16 15.40 -25.04
C LEU A 425 -10.31 14.52 -24.58
N THR A 426 -10.03 13.22 -24.49
CA THR A 426 -11.00 12.25 -23.98
C THR A 426 -10.73 12.04 -22.49
N LEU A 427 -11.61 12.60 -21.64
CA LEU A 427 -11.37 12.59 -20.20
C LEU A 427 -12.30 11.59 -19.51
N PRO A 428 -11.82 10.92 -18.47
CA PRO A 428 -12.59 9.81 -17.91
C PRO A 428 -13.73 10.21 -16.99
N LYS A 429 -14.53 11.22 -17.38
CA LYS A 429 -15.79 11.55 -16.72
C LYS A 429 -15.63 12.01 -15.27
N ASN A 430 -14.41 12.09 -14.76
CA ASN A 430 -14.12 12.68 -13.46
C ASN A 430 -13.09 13.80 -13.60
N CYS A 431 -13.22 14.58 -14.67
CA CYS A 431 -12.34 15.70 -14.95
C CYS A 431 -13.17 16.86 -15.48
N GLN A 432 -12.52 18.02 -15.65
CA GLN A 432 -13.20 19.21 -16.13
C GLN A 432 -12.24 20.11 -16.88
N HIS A 433 -12.53 21.41 -16.90
CA HIS A 433 -11.70 22.39 -17.60
C HIS A 433 -11.74 23.70 -16.82
N SER A 434 -11.38 24.79 -17.49
CA SER A 434 -11.40 26.12 -16.87
C SER A 434 -12.81 26.53 -16.48
N ILE A 437 -11.20 31.75 -15.70
CA ILE A 437 -10.97 32.71 -14.62
C ILE A 437 -12.29 33.39 -14.25
N SER A 438 -12.19 34.49 -13.52
CA SER A 438 -13.36 35.25 -13.10
C SER A 438 -12.88 36.61 -12.58
N GLU A 439 -13.82 37.54 -12.44
CA GLU A 439 -13.49 38.87 -11.93
C GLU A 439 -12.87 38.80 -10.54
N SER A 440 -13.26 37.81 -9.74
CA SER A 440 -12.60 37.60 -8.46
C SER A 440 -11.14 37.23 -8.65
N THR A 441 -10.86 36.36 -9.62
CA THR A 441 -9.50 35.85 -9.82
C THR A 441 -8.66 36.82 -10.64
N ALA A 442 -9.24 37.41 -11.69
CA ALA A 442 -8.48 38.29 -12.58
C ALA A 442 -7.88 39.47 -11.83
N LYS A 443 -8.59 39.98 -10.82
CA LYS A 443 -8.05 41.07 -10.01
C LYS A 443 -6.78 40.64 -9.28
N GLU A 444 -6.71 39.37 -8.86
CA GLU A 444 -5.49 38.88 -8.24
C GLU A 444 -4.37 38.72 -9.27
N VAL A 445 -4.70 38.20 -10.45
CA VAL A 445 -3.69 38.09 -11.51
C VAL A 445 -3.21 39.47 -11.92
N GLN A 446 -4.14 40.43 -11.99
CA GLN A 446 -3.74 41.81 -12.29
C GLN A 446 -2.91 42.39 -11.15
N ARG A 447 -3.24 42.05 -9.90
CA ARG A 447 -2.43 42.50 -8.77
C ARG A 447 -1.02 41.95 -8.86
N ILE A 448 -0.89 40.66 -9.15
CA ILE A 448 0.43 40.05 -9.28
C ILE A 448 1.11 40.50 -10.57
N ARG A 449 0.33 40.88 -11.58
CA ARG A 449 0.90 41.26 -12.87
C ARG A 449 1.88 42.42 -12.73
N ASP A 450 1.41 43.55 -12.22
CA ASP A 450 2.27 44.72 -12.08
C ASP A 450 3.16 44.67 -10.85
N LYS A 451 2.84 43.81 -9.89
CA LYS A 451 3.60 43.78 -8.63
C LYS A 451 5.01 43.23 -8.87
N HIS A 452 5.13 42.03 -9.43
CA HIS A 452 6.41 41.38 -9.58
C HIS A 452 6.86 41.17 -11.01
N PHE A 453 5.96 41.22 -11.99
CA PHE A 453 6.33 41.02 -13.38
C PHE A 453 5.83 42.15 -14.27
N ASP A 458 0.56 41.44 -21.83
CA ASP A 458 1.97 41.07 -21.97
C ASP A 458 2.12 39.80 -22.78
N GLN A 459 1.25 38.83 -22.53
CA GLN A 459 1.29 37.53 -23.20
C GLN A 459 -0.03 36.82 -22.92
N ASN A 460 -0.13 35.56 -23.33
CA ASN A 460 -1.24 34.69 -22.96
C ASN A 460 -0.94 33.88 -21.71
N ILE A 461 0.25 34.06 -21.12
CA ILE A 461 0.60 33.41 -19.87
C ILE A 461 -0.28 33.90 -18.73
N LEU A 462 -0.98 35.02 -18.91
CA LEU A 462 -1.93 35.46 -17.91
C LEU A 462 -3.19 34.60 -17.91
N ARG A 463 -3.35 33.74 -18.91
CA ARG A 463 -4.31 32.65 -18.81
C ARG A 463 -3.71 31.47 -18.07
N SER A 464 -2.42 31.22 -18.24
CA SER A 464 -1.76 30.23 -17.41
C SER A 464 -1.90 30.56 -15.93
N LEU A 465 -1.81 31.84 -15.57
CA LEU A 465 -1.86 32.20 -14.16
C LEU A 465 -3.29 32.21 -13.63
N GLY A 466 -4.24 32.77 -14.41
CA GLY A 466 -5.63 32.80 -13.97
C GLY A 466 -6.20 31.41 -13.73
N ASN A 467 -5.82 30.45 -14.55
CA ASN A 467 -6.20 29.06 -14.29
C ASN A 467 -5.46 28.52 -13.07
N ILE A 468 -4.16 28.81 -12.96
CA ILE A 468 -3.36 28.28 -11.87
C ILE A 468 -3.87 28.77 -10.51
N ILE A 469 -4.45 29.98 -10.47
CA ILE A 469 -5.02 30.46 -9.23
C ILE A 469 -6.33 29.75 -8.94
N SER A 470 -7.19 29.62 -9.96
CA SER A 470 -8.52 29.04 -9.74
C SER A 470 -8.47 27.54 -9.53
N VAL A 471 -7.47 26.84 -10.08
CA VAL A 471 -7.34 25.42 -9.79
C VAL A 471 -6.97 25.22 -8.33
N LEU A 472 -6.15 26.12 -7.78
CA LEU A 472 -5.78 26.03 -6.38
C LEU A 472 -6.91 26.44 -5.46
N ASP A 473 -7.66 27.48 -5.86
CA ASP A 473 -8.85 27.87 -5.09
C ASP A 473 -9.87 26.75 -5.04
N ARG A 474 -9.97 25.95 -6.11
CA ARG A 474 -10.94 24.87 -6.17
C ARG A 474 -10.48 23.65 -5.38
N MET A 475 -9.17 23.36 -5.40
CA MET A 475 -8.67 22.19 -4.68
C MET A 475 -8.80 22.38 -3.18
N MET A 476 -8.48 23.57 -2.66
CA MET A 476 -8.57 23.84 -1.24
C MET A 476 -9.99 24.24 -0.85
N VAL A 481 -13.11 19.67 -5.44
CA VAL A 481 -12.23 18.92 -6.32
C VAL A 481 -10.94 18.56 -5.58
N CYS A 482 -10.30 17.47 -6.00
CA CYS A 482 -9.15 16.93 -5.29
C CYS A 482 -7.82 17.47 -5.83
N ASN A 483 -7.56 17.24 -7.11
CA ASN A 483 -6.29 17.65 -7.71
C ASN A 483 -6.54 18.25 -9.08
N GLY A 484 -5.47 18.56 -9.79
CA GLY A 484 -5.56 19.16 -11.10
C GLY A 484 -4.25 19.05 -11.84
N CYS A 485 -4.22 19.69 -13.02
CA CYS A 485 -3.04 19.68 -13.87
C CYS A 485 -3.21 20.72 -14.97
N VAL A 486 -2.12 21.43 -15.28
CA VAL A 486 -2.17 22.56 -16.20
C VAL A 486 -0.95 22.51 -17.12
N VAL A 487 -1.19 22.64 -18.42
CA VAL A 487 -0.12 22.85 -19.38
C VAL A 487 0.26 24.33 -19.37
N VAL A 488 1.54 24.63 -19.24
CA VAL A 488 1.98 25.99 -18.96
C VAL A 488 2.93 26.49 -20.04
N SER A 489 2.93 27.82 -20.24
CA SER A 489 3.76 28.47 -21.23
C SER A 489 5.19 28.60 -20.73
N ASP A 490 5.52 29.76 -20.16
CA ASP A 490 6.78 29.93 -19.45
C ASP A 490 6.67 29.27 -18.08
N LEU A 491 7.80 28.75 -17.61
CA LEU A 491 7.75 28.09 -16.31
C LEU A 491 7.80 29.10 -15.17
N SER A 492 8.95 29.76 -14.97
CA SER A 492 9.28 30.49 -13.74
C SER A 492 8.10 31.29 -13.18
N VAL A 493 7.37 31.97 -14.07
CA VAL A 493 6.20 32.72 -13.63
C VAL A 493 5.09 31.76 -13.21
N SER A 494 4.95 30.63 -13.91
CA SER A 494 3.93 29.67 -13.53
C SER A 494 4.28 28.95 -12.23
N VAL A 495 5.55 28.57 -12.05
CA VAL A 495 5.89 27.90 -10.79
C VAL A 495 5.85 28.91 -9.63
N GLN A 496 6.34 30.13 -9.86
CA GLN A 496 6.37 31.13 -8.80
C GLN A 496 4.95 31.48 -8.35
N CYS A 497 4.09 31.83 -9.31
CA CYS A 497 2.70 32.18 -8.97
C CYS A 497 1.95 31.00 -8.35
N ALA A 498 2.34 29.78 -8.69
CA ALA A 498 1.66 28.60 -8.17
C ALA A 498 1.80 28.49 -6.66
N LEU A 499 3.01 28.24 -6.18
CA LEU A 499 3.19 27.97 -4.75
C LEU A 499 3.12 29.23 -3.91
N GLN A 500 3.49 30.39 -4.46
CA GLN A 500 3.34 31.64 -3.70
C GLN A 500 1.88 31.93 -3.41
N HIS A 501 0.99 31.60 -4.34
CA HIS A 501 -0.44 31.64 -4.07
C HIS A 501 -0.89 30.47 -3.21
N ALA A 502 -0.14 29.37 -3.22
CA ALA A 502 -0.49 28.21 -2.40
C ALA A 502 -0.05 28.38 -0.96
N LEU A 503 1.15 28.94 -0.74
CA LEU A 503 1.64 29.16 0.61
C LEU A 503 0.71 30.07 1.41
N THR A 504 -0.11 30.87 0.74
CA THR A 504 -1.07 31.75 1.39
C THR A 504 -2.50 31.29 1.23
N GLU A 505 -2.72 30.04 0.79
CA GLU A 505 -4.05 29.50 0.55
C GLU A 505 -4.90 29.38 1.82
N PRO A 506 -4.37 28.91 2.95
CA PRO A 506 -3.01 28.53 3.36
C PRO A 506 -2.62 27.09 3.10
N ALA A 507 -1.35 26.87 2.80
CA ALA A 507 -0.73 25.55 2.76
C ALA A 507 0.46 25.59 3.71
N GLU A 508 0.35 24.85 4.82
CA GLU A 508 1.39 24.89 5.85
C GLU A 508 2.75 24.54 5.26
N ARG A 509 2.82 23.46 4.49
CA ARG A 509 4.04 23.05 3.82
C ARG A 509 3.69 22.60 2.41
N VAL A 510 4.64 22.76 1.49
CA VAL A 510 4.40 22.48 0.08
C VAL A 510 5.51 21.54 -0.41
N LEU A 511 5.14 20.33 -0.79
CA LEU A 511 6.03 19.44 -1.51
C LEU A 511 6.15 19.89 -2.96
N VAL A 512 7.37 19.89 -3.48
CA VAL A 512 7.65 20.30 -4.85
C VAL A 512 8.49 19.23 -5.52
N VAL A 513 7.97 18.66 -6.60
CA VAL A 513 8.69 17.68 -7.41
C VAL A 513 8.82 18.25 -8.82
N TYR A 514 10.05 18.29 -9.32
CA TYR A 514 10.35 18.89 -10.61
C TYR A 514 11.39 18.05 -11.33
N VAL A 515 11.09 17.61 -12.55
CA VAL A 515 12.09 16.92 -13.37
C VAL A 515 12.58 17.91 -14.41
N GLY A 516 13.86 17.79 -14.76
CA GLY A 516 14.54 18.74 -15.60
C GLY A 516 15.80 19.25 -14.95
N ASP A 517 16.45 20.19 -15.64
CA ASP A 517 17.75 20.71 -15.22
C ASP A 517 17.64 22.19 -14.87
N GLY A 518 18.71 22.71 -14.29
CA GLY A 518 18.72 24.07 -13.80
C GLY A 518 17.94 24.22 -12.52
N GLU A 519 18.03 25.42 -11.95
CA GLU A 519 17.35 25.74 -10.70
C GLU A 519 15.97 26.32 -10.99
N LEU A 520 14.99 25.92 -10.20
CA LEU A 520 13.64 26.44 -10.30
C LEU A 520 13.54 27.77 -9.56
N PRO A 521 12.41 28.46 -9.69
CA PRO A 521 12.32 29.81 -9.12
C PRO A 521 11.62 29.87 -7.77
N VAL A 522 12.25 29.25 -6.76
CA VAL A 522 11.78 29.36 -5.37
C VAL A 522 12.88 28.80 -4.46
N LYS A 523 12.98 29.35 -3.26
CA LYS A 523 14.03 28.98 -2.31
C LYS A 523 13.49 28.01 -1.26
N THR A 524 14.41 27.30 -0.62
CA THR A 524 14.07 26.34 0.43
C THR A 524 14.76 26.70 1.73
N ASN A 525 14.69 27.98 2.13
CA ASN A 525 15.34 28.43 3.34
C ASN A 525 14.56 28.02 4.58
N ASP A 526 13.29 28.42 4.67
CA ASP A 526 12.46 28.07 5.81
C ASP A 526 12.05 26.60 5.73
N GLY A 527 11.30 26.16 6.75
CA GLY A 527 10.88 24.78 6.82
C GLY A 527 9.48 24.53 6.29
N LYS A 528 9.03 25.38 5.37
CA LYS A 528 7.69 25.27 4.79
C LYS A 528 7.72 24.81 3.34
N VAL A 529 8.86 24.30 2.85
CA VAL A 529 8.99 23.94 1.45
C VAL A 529 10.11 22.91 1.32
N PHE A 530 9.97 22.03 0.33
CA PHE A 530 10.96 20.98 0.06
C PHE A 530 10.93 20.70 -1.43
N LEU A 531 12.10 20.58 -2.04
CA LEU A 531 12.24 20.44 -3.48
C LEU A 531 12.84 19.09 -3.83
N VAL A 532 12.22 18.40 -4.78
CA VAL A 532 12.73 17.17 -5.37
C VAL A 532 13.03 17.44 -6.83
N GLN A 533 14.22 17.05 -7.30
CA GLN A 533 14.56 17.33 -8.68
C GLN A 533 15.45 16.24 -9.27
N ILE A 534 15.20 15.92 -10.55
CA ILE A 534 15.90 14.89 -11.30
C ILE A 534 16.49 15.54 -12.55
N CYS A 535 17.81 15.48 -12.68
CA CYS A 535 18.50 16.26 -13.70
C CYS A 535 19.34 15.37 -14.61
N THR A 536 20.20 16.02 -15.39
CA THR A 536 21.31 15.38 -16.09
C THR A 536 22.66 15.74 -15.50
N LYS A 537 22.76 16.85 -14.77
CA LYS A 537 24.00 17.32 -14.19
C LYS A 537 24.05 16.99 -12.69
N GLU A 538 25.23 17.20 -12.11
CA GLU A 538 25.45 16.90 -10.70
C GLU A 538 24.58 17.76 -9.79
N THR A 539 24.84 19.07 -9.78
CA THR A 539 24.12 20.03 -8.94
C THR A 539 24.17 19.61 -7.46
N GLU A 540 25.39 19.47 -6.96
CA GLU A 540 25.61 19.06 -5.58
C GLU A 540 25.09 20.14 -4.63
N ASP A 541 24.06 19.80 -3.86
CA ASP A 541 23.41 20.74 -2.97
C ASP A 541 23.96 20.62 -1.56
N LYS A 542 23.56 21.56 -0.70
CA LYS A 542 24.00 21.58 0.69
C LYS A 542 22.80 21.73 1.62
N CYS A 543 21.79 22.47 1.18
CA CYS A 543 20.57 22.61 1.95
C CYS A 543 19.88 21.27 2.11
N VAL A 544 19.44 20.97 3.34
CA VAL A 544 18.84 19.68 3.63
C VAL A 544 17.41 19.61 3.10
N ASN A 545 16.72 20.74 3.01
CA ASN A 545 15.36 20.76 2.48
C ASN A 545 15.35 20.74 0.96
N ARG A 546 16.10 19.81 0.38
CA ARG A 546 16.19 19.67 -1.07
C ARG A 546 16.73 18.28 -1.38
N LEU A 547 16.67 17.92 -2.67
CA LEU A 547 17.11 16.61 -3.13
C LEU A 547 17.27 16.67 -4.64
N THR A 548 18.49 16.45 -5.12
CA THR A 548 18.78 16.45 -6.55
C THR A 548 19.30 15.08 -6.97
N LEU A 549 18.77 14.54 -8.06
CA LEU A 549 19.11 13.19 -8.48
C LEU A 549 19.50 13.19 -9.95
N CYS A 550 20.65 12.60 -10.24
CA CYS A 550 21.17 12.45 -11.60
C CYS A 550 21.25 13.78 -12.37
N GLY A 554 20.89 6.90 -20.13
CA GLY A 554 20.96 5.45 -20.10
C GLY A 554 19.59 4.78 -20.05
N GLU A 555 19.56 3.49 -20.37
CA GLU A 555 18.32 2.73 -20.34
C GLU A 555 17.90 2.33 -18.93
N SER A 556 18.79 2.46 -17.95
CA SER A 556 18.47 2.13 -16.57
C SER A 556 17.67 3.21 -15.87
N LEU A 557 17.39 4.33 -16.53
CA LEU A 557 16.65 5.42 -15.91
C LEU A 557 15.24 4.98 -15.54
N THR A 558 14.54 4.33 -16.47
CA THR A 558 13.18 3.84 -16.21
C THR A 558 13.15 2.63 -15.28
N ALA A 559 14.28 2.23 -14.71
CA ALA A 559 14.34 1.14 -13.76
C ALA A 559 15.02 1.48 -12.45
N GLY A 560 15.91 2.48 -12.42
CA GLY A 560 16.55 2.89 -11.19
C GLY A 560 15.81 4.03 -10.51
N PHE A 561 15.01 4.76 -11.29
CA PHE A 561 14.22 5.83 -10.71
C PHE A 561 13.17 5.31 -9.74
N MET A 562 12.70 4.07 -9.95
CA MET A 562 11.66 3.52 -9.09
C MET A 562 12.17 3.30 -7.68
N GLN A 563 13.28 2.57 -7.53
CA GLN A 563 13.81 2.32 -6.20
C GLN A 563 14.40 3.57 -5.56
N ALA A 564 14.66 4.62 -6.35
CA ALA A 564 14.96 5.92 -5.78
C ALA A 564 13.70 6.66 -5.36
N LEU A 565 12.55 6.26 -5.88
CA LEU A 565 11.28 6.84 -5.42
C LEU A 565 10.77 6.13 -4.17
N LEU A 566 10.98 4.82 -4.09
CA LEU A 566 10.53 4.06 -2.92
C LEU A 566 11.48 4.22 -1.74
N GLY A 567 12.78 4.27 -2.01
CA GLY A 567 13.76 4.28 -0.95
C GLY A 567 14.17 5.66 -0.47
N LEU A 568 13.95 6.68 -1.31
CA LEU A 568 14.39 8.03 -0.99
C LEU A 568 13.25 9.03 -1.02
N ILE A 569 12.52 9.14 -2.14
CA ILE A 569 11.58 10.25 -2.31
C ILE A 569 10.36 10.06 -1.41
N LEU A 570 9.81 8.85 -1.38
CA LEU A 570 8.61 8.60 -0.57
C LEU A 570 8.87 8.71 0.93
N PRO A 571 9.98 8.17 1.47
CA PRO A 571 10.19 8.30 2.92
C PRO A 571 10.32 9.74 3.40
N VAL A 572 11.07 10.59 2.69
CA VAL A 572 11.25 11.96 3.15
C VAL A 572 9.95 12.74 3.03
N ALA A 573 9.17 12.47 1.98
CA ALA A 573 7.90 13.18 1.80
C ALA A 573 6.92 12.83 2.90
N TYR A 574 6.82 11.55 3.26
CA TYR A 574 5.86 11.14 4.28
C TYR A 574 6.18 11.75 5.63
N GLU A 575 7.48 11.88 5.96
CA GLU A 575 7.86 12.60 7.16
C GLU A 575 7.58 14.09 7.03
N PHE A 576 7.70 14.63 5.81
CA PHE A 576 7.46 16.06 5.59
C PHE A 576 6.00 16.42 5.86
N ASN A 577 5.07 15.52 5.51
CA ASN A 577 3.63 15.73 5.65
C ASN A 577 3.23 17.05 4.99
N PRO A 578 3.24 17.13 3.67
CA PRO A 578 2.93 18.40 3.00
C PRO A 578 1.43 18.62 2.89
N ALA A 579 1.08 19.90 2.73
CA ALA A 579 -0.31 20.26 2.48
C ALA A 579 -0.67 20.24 1.01
N LEU A 580 0.33 20.30 0.12
CA LEU A 580 0.09 20.31 -1.32
C LEU A 580 1.35 19.86 -2.03
N VAL A 581 1.18 19.00 -3.04
CA VAL A 581 2.26 18.58 -3.92
C VAL A 581 2.20 19.41 -5.20
N LEU A 582 3.37 19.82 -5.69
CA LEU A 582 3.47 20.64 -6.89
C LEU A 582 4.40 19.93 -7.88
N GLY A 583 3.82 19.25 -8.86
CA GLY A 583 4.59 18.54 -9.86
C GLY A 583 4.88 19.42 -11.06
N ILE A 584 6.13 19.43 -11.49
CA ILE A 584 6.57 20.23 -12.63
C ILE A 584 7.50 19.39 -13.49
N VAL A 585 7.30 19.43 -14.80
CA VAL A 585 8.26 18.87 -15.74
C VAL A 585 8.48 19.89 -16.86
N GLU A 586 9.63 19.79 -17.50
CA GLU A 586 9.94 20.62 -18.66
C GLU A 586 9.83 19.79 -19.94
N GLU A 587 9.78 20.49 -21.07
CA GLU A 587 9.50 19.84 -22.34
C GLU A 587 10.60 18.85 -22.71
N THR A 588 11.86 19.27 -22.64
CA THR A 588 13.01 18.46 -23.03
C THR A 588 12.84 17.88 -24.44
N ARG A 593 9.42 11.98 -24.06
CA ARG A 593 10.64 11.78 -23.31
C ARG A 593 10.65 10.42 -22.62
N LEU A 594 11.33 10.33 -21.48
CA LEU A 594 11.36 9.12 -20.67
C LEU A 594 10.06 9.08 -19.87
N MET A 595 9.04 8.46 -20.47
CA MET A 595 7.67 8.56 -19.97
C MET A 595 7.18 7.31 -19.25
N ARG A 596 7.91 6.21 -19.32
CA ARG A 596 7.40 4.91 -18.87
C ARG A 596 7.22 4.85 -17.36
N VAL A 597 7.49 5.95 -16.66
CA VAL A 597 7.53 5.89 -15.20
C VAL A 597 6.78 7.02 -14.52
N TRP A 598 6.51 8.14 -15.20
CA TRP A 598 5.86 9.27 -14.54
C TRP A 598 4.49 8.91 -13.97
N GLY A 599 3.79 7.97 -14.60
CA GLY A 599 2.49 7.56 -14.06
C GLY A 599 2.61 6.79 -12.75
N HIS A 600 3.67 5.99 -12.61
CA HIS A 600 3.89 5.28 -11.36
C HIS A 600 4.20 6.24 -10.23
N MET A 601 5.00 7.27 -10.52
CA MET A 601 5.30 8.29 -9.51
C MET A 601 4.04 9.01 -9.08
N THR A 602 3.35 9.65 -10.05
CA THR A 602 2.14 10.45 -9.76
C THR A 602 1.13 9.68 -8.92
N CYS A 603 1.12 8.35 -9.00
CA CYS A 603 0.14 7.57 -8.26
C CYS A 603 0.47 7.51 -6.77
N LEU A 604 1.75 7.34 -6.42
CA LEU A 604 2.11 7.05 -5.04
C LEU A 604 2.24 8.28 -4.17
N ILE A 605 2.42 9.47 -4.75
CA ILE A 605 2.43 10.69 -3.95
C ILE A 605 1.00 11.13 -3.61
N GLN A 606 -0.01 10.58 -4.31
CA GLN A 606 -1.39 10.85 -3.94
C GLN A 606 -1.70 10.43 -2.51
N GLY A 607 -0.84 9.61 -1.90
CA GLY A 607 -0.96 9.30 -0.50
C GLY A 607 -0.62 10.44 0.43
N LEU A 608 -0.08 11.53 -0.10
CA LEU A 608 0.28 12.70 0.69
C LEU A 608 -0.57 13.90 0.30
N ALA A 609 -0.70 14.83 1.25
CA ALA A 609 -1.50 16.04 1.06
C ALA A 609 -2.96 15.71 0.74
N ARG A 610 -3.43 14.54 1.20
CA ARG A 610 -4.81 14.09 0.96
C ARG A 610 -5.13 14.01 -0.53
N GLY A 611 -4.10 13.84 -1.35
CA GLY A 611 -4.25 13.70 -2.79
C GLY A 611 -4.12 14.98 -3.58
N ARG A 612 -4.11 16.14 -2.92
CA ARG A 612 -4.03 17.42 -3.62
C ARG A 612 -2.67 17.58 -4.28
N MET A 613 -2.63 17.44 -5.60
CA MET A 613 -1.40 17.62 -6.37
C MET A 613 -1.71 18.42 -7.62
N LEU A 614 -0.88 19.44 -7.89
CA LEU A 614 -1.00 20.26 -9.08
C LEU A 614 0.19 19.98 -9.98
N THR A 615 -0.08 19.46 -11.19
CA THR A 615 0.96 19.12 -12.14
C THR A 615 1.07 20.21 -13.21
N LEU A 616 2.31 20.57 -13.54
CA LEU A 616 2.59 21.60 -14.54
C LEU A 616 3.48 20.99 -15.63
N LEU A 617 2.86 20.50 -16.69
CA LEU A 617 3.61 20.07 -17.87
C LEU A 617 3.82 21.25 -18.81
N GLN A 618 4.95 21.23 -19.50
CA GLN A 618 5.29 22.32 -20.42
C GLN A 618 4.85 21.98 -21.85
N ASP A 621 1.47 20.60 -24.99
CA ASP A 621 2.33 19.58 -24.39
C ASP A 621 2.26 18.29 -25.20
N LYS A 622 3.17 17.37 -24.88
CA LYS A 622 3.25 16.10 -25.59
C LYS A 622 2.13 15.17 -25.14
N ASP A 623 2.25 13.89 -25.50
CA ASP A 623 1.28 12.85 -25.14
C ASP A 623 1.35 12.58 -23.63
N LEU A 624 2.29 13.25 -22.96
CA LEU A 624 2.48 13.03 -21.53
C LEU A 624 1.22 13.37 -20.73
N LEU A 625 0.49 14.40 -21.15
CA LEU A 625 -0.70 14.82 -20.44
C LEU A 625 -1.69 13.67 -20.27
N GLU A 626 -1.88 12.88 -21.32
CA GLU A 626 -2.84 11.78 -21.27
C GLU A 626 -2.51 10.80 -20.15
N LEU A 627 -1.22 10.57 -19.89
CA LEU A 627 -0.80 9.66 -18.84
C LEU A 627 -0.77 10.33 -17.47
N THR A 628 -0.52 11.64 -17.42
CA THR A 628 -0.57 12.39 -16.17
C THR A 628 -1.95 12.24 -15.55
N VAL A 629 -2.97 12.83 -16.19
CA VAL A 629 -4.34 12.75 -15.72
C VAL A 629 -4.80 11.30 -15.46
N SER A 630 -4.15 10.32 -16.07
CA SER A 630 -4.52 8.92 -15.84
C SER A 630 -4.44 8.57 -14.36
N ALA A 631 -3.34 8.96 -13.70
CA ALA A 631 -3.16 8.63 -12.28
C ALA A 631 -3.86 9.62 -11.37
N LEU A 632 -3.98 10.89 -11.78
CA LEU A 632 -4.73 11.85 -10.97
C LEU A 632 -6.19 11.44 -10.86
N SER A 633 -6.75 10.90 -11.94
CA SER A 633 -8.15 10.49 -11.95
C SER A 633 -8.41 9.21 -11.17
N GLY A 634 -7.38 8.47 -10.80
CA GLY A 634 -7.54 7.24 -10.06
C GLY A 634 -7.61 5.98 -10.89
N ALA A 635 -7.33 6.06 -12.19
CA ALA A 635 -7.38 4.88 -13.04
C ALA A 635 -6.25 3.91 -12.68
N SER A 636 -6.36 2.70 -13.20
CA SER A 636 -5.32 1.70 -12.98
C SER A 636 -4.02 2.16 -13.63
N ILE A 637 -2.91 1.63 -13.12
CA ILE A 637 -1.58 2.08 -13.47
C ILE A 637 -0.83 0.92 -14.12
N SER A 638 -0.15 1.22 -15.23
CA SER A 638 0.47 0.15 -16.01
C SER A 638 1.63 -0.46 -15.24
N PRO A 639 1.74 -1.79 -15.23
CA PRO A 639 2.95 -2.42 -14.67
C PRO A 639 4.18 -2.05 -15.47
N LEU A 640 5.34 -2.30 -14.88
CA LEU A 640 6.61 -1.90 -15.48
C LEU A 640 7.43 -3.05 -16.01
N GLY A 641 7.23 -4.27 -15.51
CA GLY A 641 8.10 -5.38 -15.84
C GLY A 641 9.34 -5.35 -14.97
N PRO A 642 9.83 -6.54 -14.58
CA PRO A 642 10.99 -6.67 -13.70
C PRO A 642 12.28 -6.05 -14.26
N ALA A 645 16.81 -3.67 -11.67
CA ALA A 645 18.22 -3.73 -11.35
C ALA A 645 18.99 -2.67 -12.13
N PRO A 646 19.29 -1.54 -11.47
CA PRO A 646 19.99 -0.44 -12.17
C PRO A 646 21.50 -0.55 -12.12
N LYS A 647 22.20 0.60 -12.32
CA LYS A 647 23.64 0.79 -12.43
C LYS A 647 24.28 0.97 -11.06
N PRO A 648 25.54 0.57 -10.91
CA PRO A 648 26.22 0.75 -9.62
C PRO A 648 26.46 2.21 -9.28
N GLU A 649 26.91 3.01 -10.24
CA GLU A 649 27.11 4.44 -9.99
C GLU A 649 25.80 5.17 -9.70
N ASP A 650 24.67 4.57 -10.05
CA ASP A 650 23.38 5.21 -9.82
C ASP A 650 22.90 5.04 -8.39
N VAL A 651 23.18 3.89 -7.78
CA VAL A 651 22.79 3.68 -6.38
C VAL A 651 23.83 4.23 -5.42
N GLU A 652 25.10 4.35 -5.85
CA GLU A 652 26.07 5.15 -5.10
C GLU A 652 25.59 6.59 -4.98
N MET A 653 24.84 7.03 -5.98
CA MET A 653 24.21 8.34 -5.94
C MET A 653 23.15 8.40 -4.84
N MET A 654 22.42 7.30 -4.61
CA MET A 654 21.30 7.33 -3.67
C MET A 654 21.78 7.33 -2.22
N GLU A 655 22.71 6.43 -1.88
CA GLU A 655 23.21 6.35 -0.52
C GLU A 655 24.14 7.49 -0.16
N LYS A 656 24.73 8.16 -1.16
CA LYS A 656 25.45 9.40 -0.88
C LYS A 656 24.54 10.51 -0.41
N GLN A 657 23.24 10.42 -0.73
CA GLN A 657 22.25 11.37 -0.24
C GLN A 657 21.33 10.78 0.82
N ARG A 658 21.33 9.46 1.00
CA ARG A 658 20.62 8.88 2.13
C ARG A 658 21.37 9.12 3.44
N GLN A 659 22.69 8.92 3.42
CA GLN A 659 23.50 9.26 4.58
C GLN A 659 23.48 10.75 4.86
N ARG A 660 23.33 11.57 3.81
CA ARG A 660 23.31 13.02 3.99
C ARG A 660 21.99 13.49 4.57
N LEU A 661 20.90 12.79 4.28
CA LEU A 661 19.57 13.25 4.65
C LEU A 661 18.94 12.50 5.81
N GLN A 662 19.45 11.32 6.18
CA GLN A 662 18.86 10.60 7.30
C GLN A 662 19.09 11.28 8.65
N GLU A 663 19.84 12.38 8.68
CA GLU A 663 19.94 13.19 9.88
C GLU A 663 18.61 13.86 10.19
N ARG A 664 18.16 14.74 9.30
CA ARG A 664 16.89 15.44 9.51
C ARG A 664 15.71 14.48 9.38
N TRP A 665 15.68 13.70 8.30
CA TRP A 665 14.55 12.82 7.99
C TRP A 665 14.94 11.39 8.32
N GLY A 666 14.47 10.90 9.47
CA GLY A 666 14.82 9.57 9.92
C GLY A 666 14.14 8.43 9.20
N LEU A 667 13.09 8.71 8.41
CA LEU A 667 12.42 7.65 7.67
C LEU A 667 13.28 7.11 6.53
N LEU A 668 14.36 7.79 6.17
CA LEU A 668 15.29 7.27 5.18
C LEU A 668 16.18 6.18 5.74
N ARG A 669 16.26 6.04 7.06
CA ARG A 669 17.22 5.12 7.67
C ARG A 669 16.72 3.69 7.54
N CYS A 670 17.59 2.80 7.07
CA CYS A 670 17.28 1.39 6.97
C CYS A 670 18.23 0.53 7.80
N THR A 671 19.06 1.18 8.62
CA THR A 671 20.00 0.52 9.52
C THR A 671 19.97 1.23 10.86
N VAL A 672 20.43 0.54 11.91
CA VAL A 672 20.46 1.15 13.23
C VAL A 672 21.61 2.15 13.29
N SER A 673 21.33 3.33 13.85
CA SER A 673 22.32 4.40 13.91
C SER A 673 23.57 3.95 14.65
N GLU A 674 24.73 4.37 14.15
CA GLU A 674 25.98 4.16 14.83
C GLU A 674 26.12 5.14 15.98
N SER A 675 26.37 4.62 17.17
CA SER A 675 26.54 5.48 18.35
C SER A 675 27.92 6.10 18.34
N TRP A 676 28.00 7.36 18.76
CA TRP A 676 29.26 8.08 18.80
C TRP A 676 29.88 7.99 20.18
C2 FKS B . -3.98 -15.87 23.76
C3 FKS B . -4.09 -16.25 22.25
C4 FKS B . -3.09 -17.35 21.81
C6 FKS B . -2.95 -17.22 19.31
C7 FKS B . -4.09 -16.58 18.45
C8 FKS B . -3.81 -16.51 16.93
C9 FKS B . -4.37 -15.25 16.25
C10 FKS B . -4.95 -15.50 14.84
C11 FKS B . -4.85 -14.29 13.88
C12 FKS B . -5.87 -14.46 12.62
F15 FKS B . -5.61 -13.53 11.67
F16 FKS B . -5.78 -15.63 11.99
F17 FKS B . -7.16 -14.29 12.93
N5 FKS B . -3.48 -17.94 20.50
N1 FKS B . -4.03 -14.44 24.04
O13 FKS B . -5.19 -13.11 14.50
O14 FKS B . -3.58 -14.20 13.34
P PO4 C . 16.05 -5.84 20.05
O1 PO4 C . 16.16 -4.37 20.36
O2 PO4 C . 15.20 -6.51 21.10
O3 PO4 C . 17.42 -6.46 20.04
O4 PO4 C . 15.41 -6.02 18.70
P PO4 D . 16.03 -12.29 16.08
O1 PO4 D . 15.78 -11.96 17.53
O2 PO4 D . 15.10 -11.45 15.21
O3 PO4 D . 17.45 -11.98 15.72
O4 PO4 D . 15.75 -13.75 15.85
ZN ZN E . -3.52 -12.05 13.96
K K F . 1.92 -11.77 9.28
K K G . 7.48 -18.28 -1.44
#